data_1TXI
#
_entry.id   1TXI
#
_cell.length_a   45.259
_cell.length_b   52.504
_cell.length_c   132.930
_cell.angle_alpha   90.00
_cell.angle_beta   90.00
_cell.angle_gamma   90.00
#
_symmetry.space_group_name_H-M   'P 21 21 21'
#
loop_
_entity.id
_entity.type
_entity.pdbx_description
1 polymer 'Vitamin D receptor'
2 non-polymer (1R,3R)-5-((Z)-2-((1R,7AS)-HEXAHYDRO-1-((S)-6-HYDROXY-6-METHYLHEPT-4-YN-2-YL)-7A-METHYL-1H-INDEN-4(7AH)-YLIDENE)ETHYLIDENE)CYCLOHEXANE-1,3-DIOL
3 water water
#
_entity_poly.entity_id   1
_entity_poly.type   'polypeptide(L)'
_entity_poly.pdbx_seq_one_letter_code
;GSHMDSLRPKLSEEQQRIIAILLDAHHKTYDPTYSDFCQFRPPVRVNDGGGSVTLELSQLSMLPHLADLVSYSIQKVIGF
AKMIPGFRDLTSEDQIVLLKSSAIEVIMLRSNESFTMDDMSWTCGNQDYKYRVSDVTKAGHSLELIEPLIKFQVGLKKLN
LHEEEHVLLMAICIVSPDRPGVQDAALIEAIQDRLSNTLQTYIRCRHPPPGSHLLYAKMIQKLADLRSLNEEHSKQYRCL
SFQPECSMKLTPLVLEVFGNEIS
;
_entity_poly.pdbx_strand_id   A
#
loop_
_chem_comp.id
_chem_comp.type
_chem_comp.name
_chem_comp.formula
TX5 non-polymer (1R,3R)-5-((Z)-2-((1R,7AS)-HEXAHYDRO-1-((S)-6-HYDROXY-6-METHYLHEPT-4-YN-2-YL)-7A-METHYL-1H-INDEN-4(7AH)-YLIDENE)ETHYLIDENE)CYCLOHEXANE-1,3-DIOL 'C26 H40 O3'
#
# COMPACT_ATOMS: atom_id res chain seq x y z
N LEU A 7 4.46 -5.57 -32.20
CA LEU A 7 5.02 -4.20 -32.33
C LEU A 7 5.40 -3.62 -30.97
N ARG A 8 6.42 -2.79 -30.95
CA ARG A 8 6.89 -2.16 -29.73
C ARG A 8 6.98 -0.65 -29.91
N PRO A 9 5.82 0.03 -29.94
CA PRO A 9 5.81 1.48 -30.11
C PRO A 9 6.56 2.17 -28.98
N LYS A 10 7.18 3.30 -29.31
CA LYS A 10 7.95 4.05 -28.33
C LYS A 10 7.05 4.89 -27.43
N LEU A 11 7.57 5.23 -26.25
CA LEU A 11 6.83 6.05 -25.31
C LEU A 11 6.64 7.45 -25.88
N SER A 12 5.41 7.93 -25.85
CA SER A 12 5.12 9.27 -26.36
C SER A 12 5.70 10.28 -25.36
N GLU A 13 5.81 11.53 -25.78
CA GLU A 13 6.34 12.56 -24.90
C GLU A 13 5.45 12.67 -23.66
N GLU A 14 4.15 12.52 -23.86
CA GLU A 14 3.20 12.60 -22.75
C GLU A 14 3.39 11.46 -21.76
N GLN A 15 3.59 10.25 -22.28
CA GLN A 15 3.80 9.09 -21.43
C GLN A 15 5.10 9.25 -20.64
N GLN A 16 6.12 9.82 -21.27
CA GLN A 16 7.40 10.03 -20.59
C GLN A 16 7.21 11.03 -19.46
N ARG A 17 6.36 12.03 -19.72
CA ARG A 17 6.06 13.07 -18.73
C ARG A 17 5.33 12.48 -17.53
N ILE A 18 4.37 11.59 -17.79
CA ILE A 18 3.61 10.95 -16.73
C ILE A 18 4.53 10.16 -15.78
N ILE A 19 5.45 9.40 -16.37
CA ILE A 19 6.39 8.60 -15.59
C ILE A 19 7.30 9.51 -14.76
N ALA A 20 7.79 10.59 -15.36
CA ALA A 20 8.67 11.52 -14.66
C ALA A 20 7.95 12.13 -13.45
N ILE A 21 6.69 12.52 -13.67
CA ILE A 21 5.88 13.12 -12.62
C ILE A 21 5.64 12.15 -11.47
N LEU A 22 5.37 10.89 -11.80
CA LEU A 22 5.12 9.89 -10.76
C LEU A 22 6.39 9.53 -9.99
N LEU A 23 7.52 9.46 -10.67
CA LEU A 23 8.77 9.16 -9.98
C LEU A 23 9.08 10.29 -9.00
N ASP A 24 8.85 11.52 -9.44
CA ASP A 24 9.08 12.70 -8.60
C ASP A 24 8.15 12.66 -7.39
N ALA A 25 6.88 12.35 -7.64
CA ALA A 25 5.90 12.28 -6.57
C ALA A 25 6.31 11.26 -5.52
N HIS A 26 6.77 10.10 -5.99
CA HIS A 26 7.19 9.06 -5.06
C HIS A 26 8.41 9.45 -4.25
N HIS A 27 9.40 10.07 -4.91
CA HIS A 27 10.62 10.48 -4.22
C HIS A 27 10.32 11.52 -3.14
N LYS A 28 9.30 12.33 -3.37
CA LYS A 28 8.92 13.36 -2.41
C LYS A 28 8.03 12.83 -1.27
N THR A 29 7.43 11.67 -1.48
CA THR A 29 6.53 11.12 -0.47
C THR A 29 6.94 9.80 0.18
N TYR A 30 8.09 9.27 -0.20
CA TYR A 30 8.58 8.03 0.38
C TYR A 30 10.04 8.23 0.77
N ASP A 31 10.28 8.33 2.08
CA ASP A 31 11.63 8.52 2.63
C ASP A 31 12.28 7.15 2.80
N PRO A 32 13.27 6.83 1.95
CA PRO A 32 13.95 5.53 2.02
C PRO A 32 14.88 5.38 3.24
N THR A 33 15.00 6.44 4.04
CA THR A 33 15.83 6.38 5.24
C THR A 33 14.99 6.17 6.48
N TYR A 34 13.67 6.34 6.33
CA TYR A 34 12.73 6.14 7.44
C TYR A 34 13.09 6.99 8.66
N SER A 35 13.60 8.19 8.39
CA SER A 35 14.03 9.12 9.43
C SER A 35 12.95 9.69 10.34
N ASP A 36 11.68 9.63 9.92
CA ASP A 36 10.59 10.17 10.76
C ASP A 36 10.03 9.17 11.77
N PHE A 37 10.37 7.89 11.60
CA PHE A 37 9.86 6.84 12.47
C PHE A 37 10.06 7.00 13.97
N CYS A 38 11.10 7.72 14.37
CA CYS A 38 11.34 7.90 15.80
C CYS A 38 10.30 8.84 16.42
N GLN A 39 9.48 9.47 15.58
CA GLN A 39 8.46 10.38 16.08
C GLN A 39 7.16 9.66 16.42
N PHE A 40 7.02 8.42 15.96
CA PHE A 40 5.81 7.64 16.25
C PHE A 40 5.86 7.16 17.69
N ARG A 41 4.71 6.76 18.22
CA ARG A 41 4.69 6.21 19.57
C ARG A 41 5.60 4.99 19.46
N PRO A 42 6.42 4.74 20.49
CA PRO A 42 7.34 3.61 20.45
C PRO A 42 6.75 2.21 20.35
N PRO A 43 7.45 1.33 19.62
CA PRO A 43 6.94 -0.04 19.49
C PRO A 43 7.19 -0.75 20.81
N VAL A 44 6.22 -1.53 21.25
CA VAL A 44 6.33 -2.29 22.49
C VAL A 44 6.09 -3.75 22.15
N ARG A 45 7.04 -4.60 22.50
CA ARG A 45 6.92 -6.02 22.20
C ARG A 45 6.88 -6.87 23.47
N VAL A 46 5.67 -7.26 23.87
CA VAL A 46 5.48 -8.08 25.07
C VAL A 46 5.74 -9.55 24.75
N ASN A 47 5.90 -10.35 25.80
CA ASN A 47 6.15 -11.78 25.63
C ASN A 47 4.85 -12.48 25.22
N ASP A 48 4.87 -13.13 24.06
CA ASP A 48 3.71 -13.84 23.56
C ASP A 48 4.13 -14.92 22.56
N GLY A 49 5.00 -15.82 23.00
CA GLY A 49 5.47 -16.87 22.13
C GLY A 49 4.34 -17.81 21.76
N GLY A 50 3.28 -17.82 22.57
CA GLY A 50 2.15 -18.68 22.29
C GLY A 50 1.17 -18.10 21.30
N GLY A 51 1.36 -16.83 20.94
CA GLY A 51 0.45 -16.19 20.01
C GLY A 51 -0.97 -16.21 20.53
N SER A 52 -1.12 -15.89 21.81
CA SER A 52 -2.43 -15.88 22.46
C SER A 52 -3.29 -14.70 22.02
N VAL A 53 -4.43 -14.98 21.40
CA VAL A 53 -5.33 -13.93 20.95
C VAL A 53 -5.82 -13.13 22.15
N THR A 54 -6.11 -13.84 23.24
CA THR A 54 -6.59 -13.19 24.45
C THR A 54 -5.60 -12.17 24.97
N LEU A 55 -4.33 -12.59 25.08
CA LEU A 55 -3.28 -11.70 25.56
C LEU A 55 -3.05 -10.54 24.61
N GLU A 56 -3.00 -10.84 23.32
CA GLU A 56 -2.78 -9.82 22.30
C GLU A 56 -3.84 -8.73 22.36
N LEU A 57 -5.11 -9.13 22.49
CA LEU A 57 -6.20 -8.17 22.55
C LEU A 57 -6.22 -7.36 23.85
N SER A 58 -5.80 -7.99 24.95
CA SER A 58 -5.78 -7.30 26.23
C SER A 58 -4.67 -6.26 26.29
N GLN A 59 -3.61 -6.46 25.50
CA GLN A 59 -2.50 -5.53 25.51
C GLN A 59 -2.34 -4.65 24.26
N LEU A 60 -2.51 -5.23 23.08
CA LEU A 60 -2.35 -4.49 21.82
C LEU A 60 -1.10 -3.62 21.91
N SER A 61 0.00 -4.22 22.38
CA SER A 61 1.26 -3.51 22.59
C SER A 61 1.88 -2.81 21.37
N MET A 62 1.74 -3.41 20.20
CA MET A 62 2.30 -2.84 18.97
C MET A 62 1.32 -1.97 18.20
N LEU A 63 0.07 -1.89 18.66
CA LEU A 63 -0.93 -1.11 17.94
C LEU A 63 -0.63 0.39 17.85
N PRO A 64 -0.25 1.03 18.97
CA PRO A 64 0.04 2.47 18.90
C PRO A 64 1.10 2.81 17.85
N HIS A 65 2.20 2.05 17.84
CA HIS A 65 3.27 2.27 16.88
C HIS A 65 2.84 2.02 15.43
N LEU A 66 2.21 0.88 15.17
CA LEU A 66 1.78 0.58 13.81
C LEU A 66 0.66 1.49 13.34
N ALA A 67 -0.20 1.93 14.28
CA ALA A 67 -1.28 2.85 13.94
C ALA A 67 -0.66 4.16 13.48
N ASP A 68 0.38 4.62 14.18
CA ASP A 68 1.04 5.87 13.82
C ASP A 68 1.73 5.71 12.46
N LEU A 69 2.36 4.56 12.25
CA LEU A 69 3.04 4.28 10.98
C LEU A 69 2.05 4.27 9.82
N VAL A 70 0.90 3.64 10.03
CA VAL A 70 -0.13 3.58 9.00
C VAL A 70 -0.74 4.97 8.77
N SER A 71 -0.98 5.70 9.85
CA SER A 71 -1.55 7.04 9.74
C SER A 71 -0.60 7.95 8.94
N TYR A 72 0.68 7.89 9.27
CA TYR A 72 1.72 8.67 8.60
C TYR A 72 1.74 8.29 7.11
N SER A 73 1.63 6.99 6.84
CA SER A 73 1.64 6.51 5.46
C SER A 73 0.44 7.00 4.67
N ILE A 74 -0.73 7.04 5.30
CA ILE A 74 -1.92 7.52 4.61
C ILE A 74 -1.71 8.98 4.19
N GLN A 75 -1.07 9.78 5.06
CA GLN A 75 -0.80 11.17 4.72
C GLN A 75 0.11 11.25 3.50
N LYS A 76 1.11 10.37 3.42
CA LYS A 76 2.03 10.36 2.29
C LYS A 76 1.30 9.91 1.02
N VAL A 77 0.40 8.94 1.17
CA VAL A 77 -0.38 8.44 0.03
C VAL A 77 -1.29 9.54 -0.53
N ILE A 78 -1.85 10.36 0.37
CA ILE A 78 -2.71 11.45 -0.07
C ILE A 78 -1.87 12.40 -0.92
N GLY A 79 -0.66 12.70 -0.47
CA GLY A 79 0.22 13.58 -1.20
C GLY A 79 0.62 13.03 -2.56
N PHE A 80 0.87 11.73 -2.61
CA PHE A 80 1.24 11.06 -3.85
C PHE A 80 0.07 11.12 -4.85
N ALA A 81 -1.11 10.74 -4.37
CA ALA A 81 -2.30 10.71 -5.22
C ALA A 81 -2.61 12.07 -5.84
N LYS A 82 -2.44 13.15 -5.07
CA LYS A 82 -2.72 14.49 -5.58
C LYS A 82 -1.84 14.85 -6.78
N MET A 83 -0.70 14.16 -6.92
CA MET A 83 0.21 14.44 -8.01
C MET A 83 0.03 13.52 -9.24
N ILE A 84 -0.93 12.60 -9.17
CA ILE A 84 -1.19 11.71 -10.30
C ILE A 84 -1.87 12.53 -11.38
N PRO A 85 -1.30 12.55 -12.60
CA PRO A 85 -1.92 13.32 -13.70
C PRO A 85 -3.40 12.97 -13.88
N GLY A 86 -4.26 13.98 -13.73
CA GLY A 86 -5.69 13.76 -13.88
C GLY A 86 -6.48 13.64 -12.59
N PHE A 87 -5.80 13.27 -11.51
CA PHE A 87 -6.47 13.09 -10.22
C PHE A 87 -7.20 14.36 -9.77
N ARG A 88 -6.55 15.51 -9.93
CA ARG A 88 -7.13 16.78 -9.52
C ARG A 88 -8.34 17.19 -10.35
N ASP A 89 -8.56 16.51 -11.48
CA ASP A 89 -9.69 16.83 -12.34
C ASP A 89 -10.99 16.19 -11.84
N LEU A 90 -10.85 15.19 -10.97
CA LEU A 90 -12.01 14.53 -10.39
C LEU A 90 -12.64 15.43 -9.34
N THR A 91 -13.89 15.15 -9.00
CA THR A 91 -14.58 15.92 -7.97
C THR A 91 -13.92 15.55 -6.65
N SER A 92 -14.03 16.41 -5.63
CA SER A 92 -13.42 16.10 -4.35
C SER A 92 -14.09 14.87 -3.76
N GLU A 93 -15.37 14.71 -4.07
CA GLU A 93 -16.13 13.56 -3.58
C GLU A 93 -15.51 12.26 -4.09
N ASP A 94 -15.18 12.21 -5.38
CA ASP A 94 -14.57 11.03 -5.96
C ASP A 94 -13.13 10.85 -5.47
N GLN A 95 -12.42 11.96 -5.28
CA GLN A 95 -11.05 11.87 -4.81
C GLN A 95 -11.01 11.18 -3.45
N ILE A 96 -11.90 11.59 -2.54
CA ILE A 96 -11.97 11.01 -1.21
C ILE A 96 -12.37 9.54 -1.23
N VAL A 97 -13.35 9.20 -2.08
CA VAL A 97 -13.79 7.81 -2.19
C VAL A 97 -12.63 6.93 -2.62
N LEU A 98 -11.87 7.38 -3.62
CA LEU A 98 -10.74 6.60 -4.13
C LEU A 98 -9.63 6.44 -3.08
N LEU A 99 -9.33 7.50 -2.35
CA LEU A 99 -8.29 7.47 -1.34
C LEU A 99 -8.66 6.55 -0.18
N LYS A 100 -9.88 6.68 0.31
CA LYS A 100 -10.33 5.86 1.43
C LYS A 100 -10.40 4.38 1.07
N SER A 101 -10.86 4.07 -0.12
CA SER A 101 -10.98 2.68 -0.53
C SER A 101 -9.66 2.00 -0.87
N SER A 102 -8.67 2.77 -1.35
CA SER A 102 -7.39 2.20 -1.72
C SER A 102 -6.26 2.34 -0.68
N ALA A 103 -6.45 3.21 0.30
CA ALA A 103 -5.45 3.46 1.34
C ALA A 103 -4.68 2.22 1.81
N ILE A 104 -5.36 1.22 2.32
CA ILE A 104 -4.68 0.02 2.82
C ILE A 104 -3.92 -0.72 1.73
N GLU A 105 -4.47 -0.75 0.52
CA GLU A 105 -3.82 -1.43 -0.59
C GLU A 105 -2.52 -0.75 -1.01
N VAL A 106 -2.52 0.57 -1.08
CA VAL A 106 -1.31 1.30 -1.49
C VAL A 106 -0.25 1.17 -0.41
N ILE A 107 -0.67 1.11 0.85
CA ILE A 107 0.30 0.95 1.93
C ILE A 107 0.96 -0.41 1.79
N MET A 108 0.16 -1.43 1.50
CA MET A 108 0.72 -2.77 1.32
C MET A 108 1.70 -2.78 0.15
N LEU A 109 1.34 -2.10 -0.95
CA LEU A 109 2.22 -2.03 -2.11
C LEU A 109 3.51 -1.27 -1.83
N ARG A 110 3.38 -0.06 -1.30
CA ARG A 110 4.57 0.75 -1.04
C ARG A 110 5.48 0.15 0.02
N SER A 111 4.92 -0.65 0.92
CA SER A 111 5.73 -1.28 1.96
C SER A 111 6.69 -2.32 1.38
N ASN A 112 6.45 -2.72 0.13
CA ASN A 112 7.31 -3.72 -0.48
C ASN A 112 8.76 -3.22 -0.58
N GLU A 113 8.94 -1.90 -0.61
CA GLU A 113 10.25 -1.30 -0.71
C GLU A 113 11.12 -1.55 0.53
N SER A 114 10.49 -1.74 1.68
CA SER A 114 11.23 -2.01 2.90
C SER A 114 11.21 -3.51 3.25
N PHE A 115 10.43 -4.30 2.51
CA PHE A 115 10.36 -5.73 2.77
C PHE A 115 11.63 -6.41 2.27
N THR A 116 12.14 -7.37 3.02
CA THR A 116 13.34 -8.09 2.60
C THR A 116 13.13 -9.59 2.72
N MET A 117 13.51 -10.31 1.68
CA MET A 117 13.36 -11.75 1.68
C MET A 117 14.48 -12.44 2.47
N ASP A 118 15.41 -11.66 3.00
CA ASP A 118 16.50 -12.24 3.78
C ASP A 118 15.91 -12.98 4.98
N ASP A 119 14.94 -12.36 5.63
CA ASP A 119 14.29 -12.98 6.78
C ASP A 119 12.78 -12.74 6.80
N MET A 120 12.23 -12.35 5.66
CA MET A 120 10.79 -12.11 5.53
C MET A 120 10.27 -11.07 6.50
N SER A 121 10.86 -9.89 6.48
CA SER A 121 10.43 -8.83 7.37
C SER A 121 10.47 -7.50 6.66
N TRP A 122 9.93 -6.48 7.31
CA TRP A 122 9.95 -5.13 6.77
C TRP A 122 11.00 -4.47 7.65
N THR A 123 12.16 -4.20 7.07
CA THR A 123 13.25 -3.60 7.83
C THR A 123 13.38 -2.12 7.50
N CYS A 124 13.09 -1.27 8.49
CA CYS A 124 13.14 0.17 8.29
C CYS A 124 14.20 0.89 9.12
N GLY A 125 15.43 0.39 9.07
CA GLY A 125 16.51 1.00 9.84
C GLY A 125 16.94 0.13 11.00
N ASN A 126 17.00 0.71 12.19
CA ASN A 126 17.43 -0.03 13.37
C ASN A 126 16.50 -1.21 13.68
N GLN A 127 16.99 -2.12 14.51
CA GLN A 127 16.24 -3.31 14.89
C GLN A 127 14.89 -2.99 15.53
N ASP A 128 14.76 -1.79 16.08
CA ASP A 128 13.50 -1.39 16.71
C ASP A 128 12.41 -1.24 15.65
N TYR A 129 12.83 -0.87 14.44
CA TYR A 129 11.88 -0.66 13.35
C TYR A 129 11.91 -1.79 12.31
N LYS A 130 12.05 -3.01 12.82
CA LYS A 130 12.04 -4.20 11.96
C LYS A 130 10.73 -4.89 12.35
N TYR A 131 9.84 -5.04 11.39
CA TYR A 131 8.54 -5.64 11.67
C TYR A 131 8.43 -7.04 11.09
N ARG A 132 8.07 -7.99 11.95
CA ARG A 132 7.90 -9.38 11.55
C ARG A 132 6.45 -9.80 11.77
N VAL A 133 6.12 -11.02 11.38
CA VAL A 133 4.77 -11.55 11.54
C VAL A 133 4.30 -11.39 12.98
N SER A 134 5.18 -11.74 13.92
CA SER A 134 4.84 -11.67 15.35
C SER A 134 4.49 -10.26 15.83
N ASP A 135 5.01 -9.23 15.15
CA ASP A 135 4.72 -7.86 15.54
C ASP A 135 3.31 -7.47 15.11
N VAL A 136 2.84 -8.04 14.00
CA VAL A 136 1.52 -7.72 13.49
C VAL A 136 0.44 -8.38 14.36
N THR A 137 0.72 -9.57 14.87
CA THR A 137 -0.24 -10.25 15.72
C THR A 137 -0.37 -9.49 17.04
N LYS A 138 0.70 -8.82 17.45
CA LYS A 138 0.68 -8.03 18.68
C LYS A 138 -0.09 -6.73 18.50
N ALA A 139 -0.55 -6.47 17.27
CA ALA A 139 -1.32 -5.26 16.99
C ALA A 139 -2.80 -5.63 16.85
N GLY A 140 -3.13 -6.89 17.08
CA GLY A 140 -4.52 -7.32 17.00
C GLY A 140 -4.97 -8.09 15.77
N HIS A 141 -4.07 -8.29 14.81
CA HIS A 141 -4.43 -9.03 13.59
C HIS A 141 -4.04 -10.50 13.68
N SER A 142 -4.69 -11.32 12.86
CA SER A 142 -4.43 -12.76 12.86
C SER A 142 -3.73 -13.25 11.59
N LEU A 143 -3.30 -14.51 11.61
CA LEU A 143 -2.61 -15.11 10.48
C LEU A 143 -3.44 -15.17 9.19
N GLU A 144 -4.76 -15.13 9.32
CA GLU A 144 -5.63 -15.16 8.15
C GLU A 144 -5.31 -13.98 7.23
N LEU A 145 -4.75 -12.93 7.80
CA LEU A 145 -4.36 -11.75 7.02
C LEU A 145 -2.85 -11.73 6.80
N ILE A 146 -2.09 -12.01 7.86
CA ILE A 146 -0.64 -11.98 7.80
C ILE A 146 0.00 -12.94 6.82
N GLU A 147 -0.41 -14.21 6.84
CA GLU A 147 0.19 -15.18 5.94
C GLU A 147 0.00 -14.80 4.47
N PRO A 148 -1.22 -14.41 4.07
CA PRO A 148 -1.43 -14.04 2.67
C PRO A 148 -0.68 -12.74 2.35
N LEU A 149 -0.50 -11.90 3.36
CA LEU A 149 0.21 -10.63 3.19
C LEU A 149 1.67 -10.91 2.86
N ILE A 150 2.29 -11.81 3.61
CA ILE A 150 3.69 -12.16 3.37
C ILE A 150 3.85 -12.80 2.00
N LYS A 151 2.92 -13.69 1.65
CA LYS A 151 2.99 -14.35 0.36
C LYS A 151 2.93 -13.31 -0.75
N PHE A 152 2.08 -12.30 -0.54
CA PHE A 152 1.94 -11.23 -1.52
C PHE A 152 3.25 -10.45 -1.64
N GLN A 153 3.89 -10.16 -0.51
CA GLN A 153 5.15 -9.40 -0.53
C GLN A 153 6.25 -10.15 -1.29
N VAL A 154 6.37 -11.44 -1.03
CA VAL A 154 7.38 -12.25 -1.72
C VAL A 154 7.08 -12.30 -3.22
N GLY A 155 5.82 -12.47 -3.58
CA GLY A 155 5.44 -12.54 -4.97
C GLY A 155 5.76 -11.25 -5.72
N LEU A 156 5.49 -10.12 -5.07
CA LEU A 156 5.76 -8.82 -5.67
C LEU A 156 7.27 -8.61 -5.79
N LYS A 157 7.99 -9.00 -4.74
CA LYS A 157 9.44 -8.86 -4.74
C LYS A 157 10.08 -9.62 -5.90
N LYS A 158 9.57 -10.83 -6.14
CA LYS A 158 10.10 -11.67 -7.21
C LYS A 158 9.90 -11.13 -8.62
N LEU A 159 8.99 -10.17 -8.79
CA LEU A 159 8.75 -9.58 -10.11
C LEU A 159 9.89 -8.63 -10.48
N ASN A 160 10.65 -8.21 -9.47
CA ASN A 160 11.76 -7.29 -9.66
C ASN A 160 11.35 -6.11 -10.54
N LEU A 161 10.33 -5.38 -10.10
CA LEU A 161 9.84 -4.23 -10.86
C LEU A 161 10.81 -3.07 -10.87
N HIS A 162 10.83 -2.33 -11.98
CA HIS A 162 11.67 -1.14 -12.07
C HIS A 162 10.87 -0.14 -11.24
N GLU A 163 11.53 0.92 -10.76
CA GLU A 163 10.81 1.91 -9.98
C GLU A 163 9.67 2.50 -10.79
N GLU A 164 9.89 2.66 -12.09
CA GLU A 164 8.87 3.21 -12.98
C GLU A 164 7.60 2.37 -12.95
N GLU A 165 7.77 1.05 -12.94
CA GLU A 165 6.65 0.12 -12.91
C GLU A 165 5.97 0.13 -11.53
N HIS A 166 6.78 0.23 -10.49
CA HIS A 166 6.29 0.25 -9.12
C HIS A 166 5.35 1.45 -8.90
N VAL A 167 5.78 2.63 -9.30
CA VAL A 167 4.95 3.83 -9.11
C VAL A 167 3.71 3.84 -9.99
N LEU A 168 3.81 3.30 -11.20
CA LEU A 168 2.66 3.25 -12.09
C LEU A 168 1.61 2.31 -11.50
N LEU A 169 2.05 1.22 -10.89
CA LEU A 169 1.14 0.27 -10.29
C LEU A 169 0.37 0.90 -9.13
N MET A 170 1.05 1.66 -8.28
CA MET A 170 0.37 2.31 -7.16
C MET A 170 -0.65 3.32 -7.68
N ALA A 171 -0.31 4.02 -8.76
CA ALA A 171 -1.20 5.02 -9.33
C ALA A 171 -2.46 4.35 -9.90
N ILE A 172 -2.26 3.24 -10.60
CA ILE A 172 -3.36 2.48 -11.19
C ILE A 172 -4.28 1.95 -10.09
N CYS A 173 -3.67 1.51 -9.00
CA CYS A 173 -4.43 0.99 -7.88
C CYS A 173 -5.37 2.06 -7.31
N ILE A 174 -4.86 3.28 -7.17
CA ILE A 174 -5.66 4.38 -6.62
C ILE A 174 -6.79 4.84 -7.53
N VAL A 175 -6.49 5.00 -8.81
CA VAL A 175 -7.49 5.46 -9.77
C VAL A 175 -8.26 4.29 -10.38
N SER A 176 -9.01 3.58 -9.56
CA SER A 176 -9.79 2.43 -10.02
C SER A 176 -11.27 2.81 -10.10
N PRO A 177 -11.90 2.58 -11.27
CA PRO A 177 -13.31 2.92 -11.45
C PRO A 177 -14.30 2.00 -10.75
N ASP A 178 -13.88 0.79 -10.39
CA ASP A 178 -14.78 -0.14 -9.75
C ASP A 178 -14.80 -0.09 -8.23
N ARG A 179 -14.55 1.10 -7.66
CA ARG A 179 -14.59 1.26 -6.22
C ARG A 179 -16.02 1.66 -5.90
N PRO A 180 -16.59 1.10 -4.82
CA PRO A 180 -17.97 1.47 -4.48
C PRO A 180 -18.10 2.94 -4.07
N GLY A 181 -19.12 3.61 -4.59
CA GLY A 181 -19.33 5.00 -4.24
C GLY A 181 -18.84 6.06 -5.21
N VAL A 182 -18.09 5.66 -6.24
CA VAL A 182 -17.61 6.64 -7.21
C VAL A 182 -18.74 7.14 -8.08
N GLN A 183 -18.74 8.44 -8.38
CA GLN A 183 -19.78 9.03 -9.20
C GLN A 183 -19.46 9.03 -10.69
N ASP A 184 -18.30 9.59 -11.05
CA ASP A 184 -17.92 9.64 -12.46
C ASP A 184 -16.94 8.52 -12.82
N ALA A 185 -17.47 7.30 -12.94
CA ALA A 185 -16.66 6.14 -13.27
C ALA A 185 -15.99 6.28 -14.62
N ALA A 186 -16.67 6.92 -15.58
CA ALA A 186 -16.12 7.10 -16.92
C ALA A 186 -14.82 7.91 -16.90
N LEU A 187 -14.82 9.02 -16.17
CA LEU A 187 -13.64 9.88 -16.09
C LEU A 187 -12.50 9.12 -15.42
N ILE A 188 -12.82 8.46 -14.30
CA ILE A 188 -11.82 7.69 -13.57
C ILE A 188 -11.21 6.62 -14.47
N GLU A 189 -12.05 5.93 -15.22
CA GLU A 189 -11.57 4.87 -16.12
C GLU A 189 -10.65 5.46 -17.18
N ALA A 190 -10.98 6.64 -17.69
CA ALA A 190 -10.16 7.30 -18.69
C ALA A 190 -8.78 7.59 -18.11
N ILE A 191 -8.76 8.10 -16.88
CA ILE A 191 -7.50 8.40 -16.20
C ILE A 191 -6.68 7.13 -16.00
N GLN A 192 -7.34 6.05 -15.57
CA GLN A 192 -6.64 4.79 -15.34
C GLN A 192 -6.12 4.20 -16.65
N ASP A 193 -6.92 4.26 -17.71
CA ASP A 193 -6.50 3.72 -19.00
C ASP A 193 -5.21 4.38 -19.49
N ARG A 194 -5.12 5.69 -19.30
CA ARG A 194 -3.92 6.42 -19.74
C ARG A 194 -2.69 5.91 -18.98
N LEU A 195 -2.88 5.59 -17.70
CA LEU A 195 -1.81 5.06 -16.86
C LEU A 195 -1.48 3.62 -17.25
N SER A 196 -2.51 2.82 -17.51
CA SER A 196 -2.31 1.42 -17.90
C SER A 196 -1.58 1.32 -19.24
N ASN A 197 -1.94 2.18 -20.20
CA ASN A 197 -1.29 2.16 -21.50
C ASN A 197 0.17 2.58 -21.37
N THR A 198 0.44 3.49 -20.44
CA THR A 198 1.80 3.94 -20.21
C THR A 198 2.62 2.77 -19.66
N LEU A 199 2.04 2.06 -18.70
CA LEU A 199 2.72 0.91 -18.10
C LEU A 199 2.96 -0.20 -19.13
N GLN A 200 1.94 -0.53 -19.90
CA GLN A 200 2.07 -1.58 -20.91
C GLN A 200 3.14 -1.21 -21.94
N THR A 201 3.14 0.03 -22.38
CA THR A 201 4.12 0.50 -23.36
C THR A 201 5.52 0.51 -22.77
N TYR A 202 5.64 0.90 -21.51
CA TYR A 202 6.94 0.93 -20.85
C TYR A 202 7.53 -0.47 -20.77
N ILE A 203 6.73 -1.44 -20.33
CA ILE A 203 7.18 -2.82 -20.19
C ILE A 203 7.70 -3.44 -21.50
N ARG A 204 6.96 -3.25 -22.59
CA ARG A 204 7.35 -3.81 -23.88
C ARG A 204 8.55 -3.09 -24.46
N CYS A 205 8.69 -1.81 -24.12
CA CYS A 205 9.78 -0.99 -24.64
C CYS A 205 11.04 -0.92 -23.79
N ARG A 206 10.89 -0.86 -22.47
CA ARG A 206 12.05 -0.73 -21.59
C ARG A 206 12.41 -1.94 -20.73
N HIS A 207 11.51 -2.90 -20.59
CA HIS A 207 11.81 -4.06 -19.75
C HIS A 207 12.37 -5.22 -20.56
N PRO A 208 13.64 -5.58 -20.32
CA PRO A 208 14.34 -6.66 -21.01
C PRO A 208 13.98 -8.06 -20.50
N PRO A 209 14.17 -9.08 -21.35
CA PRO A 209 13.88 -10.49 -21.01
C PRO A 209 14.89 -11.05 -20.02
N PRO A 210 14.54 -12.18 -19.36
CA PRO A 210 13.28 -12.91 -19.51
C PRO A 210 12.11 -12.26 -18.76
N GLY A 211 10.90 -12.57 -19.20
CA GLY A 211 9.74 -12.00 -18.57
C GLY A 211 9.30 -10.70 -19.22
N SER A 212 9.81 -10.44 -20.42
CA SER A 212 9.47 -9.23 -21.16
C SER A 212 7.95 -9.07 -21.14
N HIS A 213 7.26 -10.06 -21.71
CA HIS A 213 5.81 -10.05 -21.74
C HIS A 213 5.35 -10.76 -20.47
N LEU A 214 4.06 -11.01 -20.35
CA LEU A 214 3.50 -11.68 -19.17
C LEU A 214 3.62 -10.84 -17.90
N LEU A 215 4.63 -9.97 -17.84
CA LEU A 215 4.80 -9.13 -16.67
C LEU A 215 3.58 -8.26 -16.40
N TYR A 216 3.00 -7.70 -17.46
CA TYR A 216 1.82 -6.86 -17.29
C TYR A 216 0.70 -7.67 -16.65
N ALA A 217 0.48 -8.88 -17.17
CA ALA A 217 -0.56 -9.76 -16.65
C ALA A 217 -0.32 -10.06 -15.17
N LYS A 218 0.93 -10.34 -14.81
CA LYS A 218 1.27 -10.65 -13.43
C LYS A 218 1.05 -9.46 -12.51
N MET A 219 1.30 -8.26 -13.03
CA MET A 219 1.09 -7.05 -12.23
C MET A 219 -0.40 -6.82 -11.99
N ILE A 220 -1.20 -7.02 -13.03
CA ILE A 220 -2.65 -6.85 -12.92
C ILE A 220 -3.22 -7.83 -11.90
N GLN A 221 -2.67 -9.03 -11.86
CA GLN A 221 -3.14 -10.04 -10.92
C GLN A 221 -2.87 -9.63 -9.47
N LYS A 222 -1.78 -8.90 -9.27
CA LYS A 222 -1.43 -8.44 -7.92
C LYS A 222 -2.48 -7.47 -7.43
N LEU A 223 -3.06 -6.69 -8.34
CA LEU A 223 -4.10 -5.73 -7.97
C LEU A 223 -5.33 -6.51 -7.47
N ALA A 224 -5.57 -7.67 -8.06
CA ALA A 224 -6.70 -8.50 -7.64
C ALA A 224 -6.41 -9.05 -6.25
N ASP A 225 -5.15 -9.45 -6.04
CA ASP A 225 -4.72 -9.98 -4.75
C ASP A 225 -4.94 -8.93 -3.66
N LEU A 226 -4.64 -7.67 -3.97
CA LEU A 226 -4.81 -6.58 -3.01
C LEU A 226 -6.25 -6.43 -2.55
N ARG A 227 -7.20 -6.63 -3.46
CA ARG A 227 -8.63 -6.52 -3.14
C ARG A 227 -9.00 -7.51 -2.05
N SER A 228 -8.47 -8.73 -2.15
CA SER A 228 -8.78 -9.76 -1.17
C SER A 228 -8.15 -9.41 0.18
N LEU A 229 -6.92 -8.91 0.15
CA LEU A 229 -6.25 -8.52 1.38
C LEU A 229 -7.00 -7.35 2.01
N ASN A 230 -7.54 -6.48 1.17
CA ASN A 230 -8.29 -5.31 1.63
C ASN A 230 -9.51 -5.79 2.41
N GLU A 231 -10.26 -6.71 1.81
CA GLU A 231 -11.46 -7.25 2.44
C GLU A 231 -11.14 -7.90 3.79
N GLU A 232 -10.10 -8.72 3.84
CA GLU A 232 -9.73 -9.37 5.08
C GLU A 232 -9.32 -8.35 6.15
N HIS A 233 -8.56 -7.34 5.76
CA HIS A 233 -8.16 -6.34 6.74
C HIS A 233 -9.39 -5.64 7.31
N SER A 234 -10.35 -5.33 6.45
CA SER A 234 -11.57 -4.66 6.89
C SER A 234 -12.31 -5.50 7.94
N LYS A 235 -12.41 -6.80 7.69
CA LYS A 235 -13.08 -7.70 8.63
C LYS A 235 -12.39 -7.68 9.98
N GLN A 236 -11.06 -7.79 9.95
CA GLN A 236 -10.29 -7.81 11.18
C GLN A 236 -10.28 -6.46 11.91
N TYR A 237 -10.30 -5.38 11.16
CA TYR A 237 -10.32 -4.05 11.77
C TYR A 237 -11.61 -3.91 12.58
N ARG A 238 -12.70 -4.40 12.00
CA ARG A 238 -13.99 -4.34 12.67
C ARG A 238 -13.91 -5.01 14.04
N CYS A 239 -13.34 -6.22 14.07
CA CYS A 239 -13.19 -6.98 15.31
C CYS A 239 -12.33 -6.21 16.31
N LEU A 240 -11.26 -5.62 15.82
CA LEU A 240 -10.36 -4.84 16.66
C LEU A 240 -11.08 -3.65 17.27
N SER A 241 -11.99 -3.04 16.50
CA SER A 241 -12.73 -1.88 16.99
C SER A 241 -13.68 -2.19 18.14
N PHE A 242 -13.96 -3.47 18.37
CA PHE A 242 -14.84 -3.91 19.45
C PHE A 242 -14.11 -3.91 20.79
N GLN A 243 -12.79 -3.91 20.76
CA GLN A 243 -12.00 -3.94 21.98
C GLN A 243 -12.08 -2.59 22.69
N PRO A 244 -12.54 -2.57 23.95
CA PRO A 244 -12.66 -1.33 24.72
C PRO A 244 -11.37 -0.52 24.77
N GLU A 245 -11.49 0.80 24.61
CA GLU A 245 -10.34 1.71 24.66
C GLU A 245 -9.39 1.62 23.46
N CYS A 246 -9.80 0.90 22.43
CA CYS A 246 -8.98 0.74 21.23
C CYS A 246 -8.78 2.05 20.46
N SER A 247 -9.83 2.87 20.40
CA SER A 247 -9.74 4.13 19.66
C SER A 247 -8.56 5.00 20.08
N MET A 248 -8.20 4.96 21.36
CA MET A 248 -7.08 5.77 21.85
C MET A 248 -5.74 5.28 21.29
N LYS A 249 -5.69 4.02 20.89
CA LYS A 249 -4.45 3.45 20.36
C LYS A 249 -4.32 3.71 18.87
N LEU A 250 -5.37 4.27 18.27
CA LEU A 250 -5.35 4.57 16.83
C LEU A 250 -5.16 6.07 16.67
N THR A 251 -5.59 6.62 15.54
CA THR A 251 -5.48 8.05 15.28
C THR A 251 -6.78 8.48 14.59
N PRO A 252 -7.11 9.78 14.66
CA PRO A 252 -8.33 10.26 14.02
C PRO A 252 -8.40 9.92 12.53
N LEU A 253 -7.27 10.01 11.85
CA LEU A 253 -7.22 9.71 10.43
C LEU A 253 -7.53 8.24 10.17
N VAL A 254 -6.91 7.36 10.94
CA VAL A 254 -7.14 5.93 10.81
C VAL A 254 -8.60 5.60 11.11
N LEU A 255 -9.14 6.23 12.15
CA LEU A 255 -10.54 6.01 12.53
C LEU A 255 -11.50 6.35 11.39
N GLU A 256 -11.23 7.45 10.70
CA GLU A 256 -12.10 7.86 9.61
C GLU A 256 -11.97 7.04 8.34
N VAL A 257 -10.73 6.75 7.94
CA VAL A 257 -10.48 5.97 6.74
C VAL A 257 -11.00 4.54 6.84
N PHE A 258 -10.85 3.92 8.00
CA PHE A 258 -11.30 2.54 8.16
C PHE A 258 -12.60 2.36 8.96
N GLY A 259 -13.04 3.42 9.62
CA GLY A 259 -14.25 3.35 10.41
C GLY A 259 -15.52 3.16 9.59
O2 TX5 B . 7.88 0.77 3.84
C1 TX5 B . 5.12 2.16 4.36
C2 TX5 B . 6.57 2.82 4.61
C3 TX5 B . 7.68 1.68 4.98
C4 TX5 B . 7.16 0.89 6.29
C5 TX5 B . 5.88 0.13 5.87
C6 TX5 B . 5.35 -0.99 6.43
C7 TX5 B . 4.00 -1.69 6.37
C8 TX5 B . 3.75 -2.77 7.00
C9 TX5 B . 4.71 -3.61 7.95
C10 TX5 B . 4.78 1.35 5.67
C11 TX5 B . 4.08 -4.00 9.36
C12 TX5 B . 2.59 -4.53 9.24
C13 TX5 B . 1.62 -3.64 8.36
C14 TX5 B . 2.40 -3.30 6.83
C15 TX5 B . 1.48 -3.66 5.66
C16 TX5 B . 0.06 -3.63 6.26
C17 TX5 B . 0.22 -4.22 7.69
C18 TX5 B . 1.44 -2.17 9.03
C20 TX5 B . -1.07 -3.91 8.70
C21 TX5 B . -2.04 -5.10 8.43
C22 TX5 B . -1.95 -2.60 8.41
O1 TX5 B . 4.22 3.29 4.07
C23 TX5 B . -2.79 -2.09 9.50
C24 TX5 B . -3.48 -1.74 10.35
C25 TX5 B . -4.38 -1.37 11.38
C27 TX5 B . -4.85 0.11 11.25
C26 TX5 B . -3.71 -1.58 12.74
O3 TX5 B . -5.48 -2.24 11.22
#